data_5JJB
#
_entry.id   5JJB
#
_cell.length_a   66.101
_cell.length_b   109.507
_cell.length_c   133.319
_cell.angle_alpha   90.000
_cell.angle_beta   90.000
_cell.angle_gamma   90.000
#
_symmetry.space_group_name_H-M   'I 2 2 2'
#
loop_
_entity.id
_entity.type
_entity.pdbx_description
1 polymer 'Phosphoserine phosphatase'
2 non-polymer 'MAGNESIUM ION'
3 non-polymer 1,2-ETHANEDIOL
4 water water
#
_entity_poly.entity_id   1
_entity_poly.type   'polypeptide(L)'
_entity_poly.pdbx_seq_one_letter_code
;PKVSVLITVTGVDQPGVTATLFEVLSRHGVELLNVEQVVIRHRLTLGVLVCCPADVADGPALRHDVEAAIRKVGLDVSIE
RSDDVPIIREPSTHTIFVLGRPITAAAFGAVAREVAALGVNIDLIRGVSDYPVIGLELRVSVPPGADGALRTALNRVSSE
EHVDVAVEDYTLERRAKRLIVFDVDSTLVQGEVIEMLAAKAGAEGQVAAITDAAMRGELDFAQSLQQRVATLAGLPATVI
DEVAGQLELMPGARTTLRTLRRLGYACGVVSGGFRRIIEPLAEELMLDYVAANELEIVDGTLTGRVVGPIIDRAGKATAL
REFAQRAGVPMAQTVAVGGGANDIDMLAAAGLGIAFNAKPALREVADASLSHPYLDTVLFLLGVTRGEIEAADAID
;
_entity_poly.pdbx_strand_id   A
#
loop_
_chem_comp.id
_chem_comp.type
_chem_comp.name
_chem_comp.formula
EDO non-polymer 1,2-ETHANEDIOL 'C2 H6 O2'
MG non-polymer 'MAGNESIUM ION' 'Mg 2'
#
# COMPACT_ATOMS: atom_id res chain seq x y z
N PRO A 1 -12.28 -41.08 -14.46
CA PRO A 1 -12.69 -40.89 -13.06
C PRO A 1 -14.02 -40.17 -12.94
N LYS A 2 -15.05 -40.84 -12.43
CA LYS A 2 -16.38 -40.27 -12.43
C LYS A 2 -16.90 -39.89 -11.04
N VAL A 3 -16.10 -40.10 -10.00
CA VAL A 3 -16.55 -39.69 -8.66
C VAL A 3 -15.48 -38.91 -7.90
N SER A 4 -15.89 -37.87 -7.19
CA SER A 4 -14.95 -36.99 -6.51
C SER A 4 -14.68 -37.37 -5.05
N VAL A 5 -13.43 -37.17 -4.62
CA VAL A 5 -12.95 -37.52 -3.29
C VAL A 5 -12.04 -36.44 -2.72
N LEU A 6 -12.28 -36.03 -1.48
CA LEU A 6 -11.42 -35.06 -0.80
C LEU A 6 -10.50 -35.74 0.22
N ILE A 7 -9.21 -35.46 0.14
CA ILE A 7 -8.24 -36.00 1.09
C ILE A 7 -7.59 -34.85 1.82
N THR A 8 -7.56 -34.92 3.15
CA THR A 8 -7.09 -33.80 3.96
C THR A 8 -6.06 -34.26 5.00
N VAL A 9 -4.81 -33.88 4.79
CA VAL A 9 -3.70 -34.23 5.68
C VAL A 9 -3.34 -33.05 6.58
N THR A 10 -3.28 -33.30 7.88
CA THR A 10 -2.91 -32.27 8.85
C THR A 10 -1.98 -32.82 9.93
N GLY A 11 -1.17 -31.96 10.53
CA GLY A 11 -0.27 -32.40 11.58
C GLY A 11 1.09 -31.74 11.52
N VAL A 12 2.03 -32.24 12.34
CA VAL A 12 3.36 -31.65 12.37
C VAL A 12 4.09 -31.90 11.05
N ASP A 13 4.63 -30.84 10.48
CA ASP A 13 5.29 -30.90 9.18
C ASP A 13 6.52 -31.80 9.19
N GLN A 14 6.55 -32.73 8.25
CA GLN A 14 7.70 -33.59 8.04
C GLN A 14 8.04 -33.54 6.57
N PRO A 15 9.29 -33.86 6.22
CA PRO A 15 9.58 -33.80 4.78
C PRO A 15 8.98 -35.00 4.08
N GLY A 16 8.76 -34.88 2.78
CA GLY A 16 8.40 -36.01 1.94
C GLY A 16 6.94 -36.38 1.96
N VAL A 17 6.17 -35.72 2.83
CA VAL A 17 4.74 -36.02 2.94
C VAL A 17 4.00 -35.82 1.63
N THR A 18 4.26 -34.66 0.99
CA THR A 18 3.61 -34.33 -0.27
C THR A 18 3.79 -35.41 -1.34
N ALA A 19 5.04 -35.71 -1.66
CA ALA A 19 5.39 -36.76 -2.62
C ALA A 19 4.77 -38.09 -2.22
N THR A 20 4.90 -38.46 -0.96
CA THR A 20 4.36 -39.71 -0.47
C THR A 20 2.86 -39.80 -0.78
N LEU A 21 2.11 -38.75 -0.46
CA LEU A 21 0.66 -38.81 -0.67
C LEU A 21 0.32 -39.04 -2.15
N PHE A 22 1.00 -38.34 -3.05
CA PHE A 22 0.66 -38.49 -4.46
C PHE A 22 1.18 -39.80 -5.04
N GLU A 23 2.26 -40.32 -4.46
CA GLU A 23 2.75 -41.63 -4.90
C GLU A 23 1.73 -42.68 -4.51
N VAL A 24 1.07 -42.51 -3.37
CA VAL A 24 0.02 -43.43 -2.96
C VAL A 24 -1.22 -43.33 -3.86
N LEU A 25 -1.61 -42.11 -4.21
CA LEU A 25 -2.84 -41.89 -4.97
C LEU A 25 -2.74 -42.41 -6.40
N SER A 26 -1.52 -42.61 -6.87
CA SER A 26 -1.32 -43.04 -8.24
C SER A 26 -1.64 -44.53 -8.40
N ARG A 27 -1.68 -45.26 -7.30
CA ARG A 27 -2.06 -46.68 -7.34
C ARG A 27 -3.57 -46.82 -7.34
N HIS A 28 -4.25 -45.69 -7.46
CA HIS A 28 -5.70 -45.68 -7.59
C HIS A 28 -5.98 -44.82 -8.79
N GLY A 29 -7.23 -44.66 -9.21
CA GLY A 29 -7.40 -44.07 -10.53
C GLY A 29 -7.35 -42.55 -10.54
N VAL A 30 -6.46 -41.97 -9.74
CA VAL A 30 -6.64 -40.59 -9.28
C VAL A 30 -6.15 -39.50 -10.23
N GLU A 31 -7.05 -38.57 -10.50
CA GLU A 31 -6.73 -37.36 -11.26
C GLU A 31 -7.00 -36.15 -10.38
N LEU A 32 -6.11 -35.14 -10.42
CA LEU A 32 -6.22 -33.99 -9.52
C LEU A 32 -7.14 -32.88 -10.03
N LEU A 33 -7.93 -32.31 -9.11
CA LEU A 33 -8.78 -31.18 -9.43
C LEU A 33 -8.31 -29.90 -8.71
N ASN A 34 -7.68 -30.07 -7.55
CA ASN A 34 -7.21 -28.95 -6.74
C ASN A 34 -6.29 -29.45 -5.64
N VAL A 35 -5.20 -28.72 -5.40
CA VAL A 35 -4.29 -28.98 -4.30
C VAL A 35 -4.01 -27.65 -3.58
N GLU A 36 -4.10 -27.68 -2.27
CA GLU A 36 -3.79 -26.53 -1.46
C GLU A 36 -2.91 -27.00 -0.33
N GLN A 37 -1.75 -26.40 -0.19
CA GLN A 37 -0.88 -26.80 0.89
C GLN A 37 -0.13 -25.63 1.48
N VAL A 38 -0.12 -25.55 2.80
CA VAL A 38 0.76 -24.63 3.48
C VAL A 38 1.29 -25.23 4.78
N VAL A 39 2.42 -24.68 5.20
CA VAL A 39 2.96 -24.96 6.51
C VAL A 39 3.10 -23.64 7.24
N ILE A 40 2.38 -23.52 8.34
CA ILE A 40 2.50 -22.39 9.24
C ILE A 40 3.03 -22.91 10.58
N ARG A 41 4.19 -22.38 11.00
CA ARG A 41 4.79 -22.70 12.29
C ARG A 41 4.85 -24.21 12.56
N HIS A 42 5.23 -24.94 11.50
CA HIS A 42 5.40 -26.40 11.49
C HIS A 42 4.09 -27.18 11.53
N ARG A 43 3.00 -26.53 11.12
CA ARG A 43 1.73 -27.21 10.94
C ARG A 43 1.39 -27.33 9.47
N LEU A 44 1.41 -28.57 9.00
CA LEU A 44 1.04 -28.92 7.64
C LEU A 44 -0.47 -29.00 7.48
N THR A 45 -0.97 -28.34 6.45
CA THR A 45 -2.31 -28.60 5.98
C THR A 45 -2.23 -28.84 4.49
N LEU A 46 -2.65 -30.03 4.07
CA LEU A 46 -2.57 -30.47 2.69
C LEU A 46 -3.94 -30.98 2.30
N GLY A 47 -4.67 -30.21 1.49
CA GLY A 47 -5.99 -30.57 1.04
C GLY A 47 -6.00 -30.90 -0.44
N VAL A 48 -6.44 -32.10 -0.78
CA VAL A 48 -6.36 -32.61 -2.13
C VAL A 48 -7.75 -33.04 -2.61
N LEU A 49 -8.19 -32.47 -3.73
CA LEU A 49 -9.51 -32.80 -4.26
C LEU A 49 -9.34 -33.49 -5.58
N VAL A 50 -9.86 -34.71 -5.68
CA VAL A 50 -9.59 -35.55 -6.83
C VAL A 50 -10.87 -36.11 -7.40
N CYS A 51 -10.77 -36.63 -8.63
CA CYS A 51 -11.77 -37.49 -9.24
C CYS A 51 -11.14 -38.88 -9.33
N CYS A 52 -11.93 -39.93 -9.11
CA CYS A 52 -11.40 -41.29 -9.21
C CYS A 52 -12.51 -42.22 -9.66
N PRO A 53 -12.16 -43.42 -10.14
CA PRO A 53 -13.20 -44.38 -10.53
C PRO A 53 -14.20 -44.62 -9.41
N ALA A 54 -15.47 -44.79 -9.78
CA ALA A 54 -16.55 -44.97 -8.82
C ALA A 54 -16.30 -46.18 -7.94
N ASP A 55 -15.78 -47.25 -8.53
CA ASP A 55 -15.51 -48.49 -7.80
C ASP A 55 -14.30 -48.38 -6.88
N VAL A 56 -13.37 -47.46 -7.18
CA VAL A 56 -12.23 -47.22 -6.30
C VAL A 56 -12.66 -46.45 -5.06
N ALA A 57 -13.46 -45.40 -5.28
CA ALA A 57 -14.00 -44.61 -4.19
C ALA A 57 -14.89 -45.41 -3.24
N ASP A 58 -15.67 -46.34 -3.80
CA ASP A 58 -16.59 -47.17 -3.02
C ASP A 58 -15.90 -48.41 -2.43
N GLY A 59 -14.57 -48.40 -2.44
CA GLY A 59 -13.78 -49.50 -1.91
C GLY A 59 -12.86 -49.04 -0.80
N PRO A 60 -12.67 -49.90 0.22
CA PRO A 60 -11.80 -49.62 1.37
C PRO A 60 -10.32 -49.47 1.02
N ALA A 61 -9.89 -50.01 -0.12
CA ALA A 61 -8.48 -50.04 -0.48
C ALA A 61 -7.84 -48.66 -0.56
N LEU A 62 -8.49 -47.74 -1.27
CA LEU A 62 -7.96 -46.37 -1.40
C LEU A 62 -7.80 -45.76 -0.02
N ARG A 63 -8.86 -45.88 0.79
CA ARG A 63 -8.81 -45.39 2.16
C ARG A 63 -7.65 -46.00 2.92
N HIS A 64 -7.53 -47.32 2.86
CA HIS A 64 -6.51 -48.01 3.66
C HIS A 64 -5.08 -47.66 3.18
N ASP A 65 -4.89 -47.52 1.89
CA ASP A 65 -3.58 -47.12 1.39
C ASP A 65 -3.16 -45.73 1.91
N VAL A 66 -4.07 -44.78 1.80
CA VAL A 66 -3.82 -43.42 2.26
C VAL A 66 -3.65 -43.32 3.77
N GLU A 67 -4.57 -43.94 4.51
CA GLU A 67 -4.52 -43.84 5.97
C GLU A 67 -3.27 -44.51 6.51
N ALA A 68 -2.87 -45.63 5.91
CA ALA A 68 -1.67 -46.34 6.34
C ALA A 68 -0.42 -45.49 6.14
N ALA A 69 -0.23 -45.01 4.90
CA ALA A 69 0.93 -44.18 4.53
C ALA A 69 1.08 -42.93 5.39
N ILE A 70 -0.03 -42.24 5.67
CA ILE A 70 0.01 -40.96 6.39
C ILE A 70 0.11 -41.14 7.90
N ARG A 71 -0.70 -42.03 8.45
CA ARG A 71 -0.70 -42.25 9.89
C ARG A 71 0.64 -42.81 10.34
N LYS A 72 1.25 -43.63 9.50
CA LYS A 72 2.54 -44.24 9.84
C LYS A 72 3.58 -43.18 10.18
N VAL A 73 3.75 -42.18 9.32
CA VAL A 73 4.80 -41.17 9.51
C VAL A 73 4.46 -40.15 10.60
N GLY A 74 3.21 -40.17 11.08
CA GLY A 74 2.85 -39.40 12.25
C GLY A 74 1.77 -38.34 12.07
N LEU A 75 1.23 -38.24 10.86
CA LEU A 75 0.25 -37.21 10.60
C LEU A 75 -1.16 -37.77 10.60
N ASP A 76 -2.15 -36.88 10.59
CA ASP A 76 -3.54 -37.30 10.47
C ASP A 76 -4.03 -37.11 9.02
N VAL A 77 -5.03 -37.90 8.63
CA VAL A 77 -5.65 -37.75 7.32
C VAL A 77 -7.13 -38.13 7.35
N SER A 78 -7.97 -37.34 6.68
CA SER A 78 -9.37 -37.71 6.49
C SER A 78 -9.67 -37.89 5.00
N ILE A 79 -10.63 -38.75 4.68
CA ILE A 79 -11.00 -39.05 3.31
C ILE A 79 -12.52 -39.10 3.20
N GLU A 80 -13.08 -38.40 2.23
CA GLU A 80 -14.51 -38.33 2.12
C GLU A 80 -14.94 -37.96 0.71
N ARG A 81 -16.11 -38.44 0.34
CA ARG A 81 -16.75 -38.09 -0.92
C ARG A 81 -17.02 -36.61 -0.98
N SER A 82 -17.17 -36.07 -2.19
CA SER A 82 -17.35 -34.63 -2.36
C SER A 82 -18.53 -34.31 -3.26
N ASP A 83 -18.29 -34.32 -4.56
CA ASP A 83 -19.32 -34.13 -5.59
C ASP A 83 -19.97 -32.73 -5.59
N ASP A 84 -20.40 -32.24 -4.43
CA ASP A 84 -21.03 -30.92 -4.34
C ASP A 84 -20.00 -29.83 -4.04
N VAL A 85 -18.83 -30.25 -3.59
CA VAL A 85 -17.78 -29.38 -3.08
C VAL A 85 -17.18 -28.44 -4.13
N PRO A 86 -17.01 -27.15 -3.77
CA PRO A 86 -16.32 -26.21 -4.68
C PRO A 86 -14.92 -26.69 -5.02
N ILE A 87 -14.54 -26.56 -6.28
CA ILE A 87 -13.25 -27.06 -6.72
C ILE A 87 -12.15 -26.12 -6.29
N ILE A 88 -12.31 -24.86 -6.66
CA ILE A 88 -11.27 -23.90 -6.42
C ILE A 88 -11.89 -22.64 -5.79
N ARG A 89 -11.30 -22.21 -4.68
CA ARG A 89 -11.87 -21.11 -3.90
C ARG A 89 -11.89 -19.83 -4.73
N GLU A 90 -12.86 -18.98 -4.44
CA GLU A 90 -13.02 -17.71 -5.14
C GLU A 90 -12.00 -16.70 -4.68
N PRO A 91 -11.69 -15.71 -5.52
CA PRO A 91 -10.71 -14.69 -5.13
C PRO A 91 -11.22 -13.90 -3.95
N SER A 92 -10.34 -13.33 -3.15
CA SER A 92 -10.75 -12.37 -2.12
C SER A 92 -11.22 -11.09 -2.79
N THR A 93 -12.20 -10.41 -2.22
CA THR A 93 -12.70 -9.16 -2.79
C THR A 93 -11.80 -7.98 -2.42
N HIS A 94 -11.29 -8.01 -1.19
CA HIS A 94 -10.50 -6.90 -0.65
C HIS A 94 -9.30 -7.42 0.10
N THR A 95 -8.39 -6.52 0.42
CA THR A 95 -7.28 -6.84 1.30
C THR A 95 -7.19 -5.71 2.30
N ILE A 96 -6.65 -6.00 3.48
CA ILE A 96 -6.64 -5.05 4.58
C ILE A 96 -5.25 -5.03 5.16
N PHE A 97 -4.66 -3.85 5.32
CA PHE A 97 -3.33 -3.76 5.90
C PHE A 97 -3.38 -3.18 7.29
N VAL A 98 -2.63 -3.79 8.19
CA VAL A 98 -2.55 -3.29 9.55
C VAL A 98 -1.10 -3.02 9.88
N LEU A 99 -0.79 -1.75 10.07
CA LEU A 99 0.57 -1.39 10.38
C LEU A 99 0.58 -0.73 11.74
N GLY A 100 1.52 -1.15 12.58
CA GLY A 100 1.61 -0.55 13.88
C GLY A 100 3.00 -0.68 14.44
N ARG A 101 3.26 0.09 15.49
CA ARG A 101 4.51 0.04 16.22
C ARG A 101 4.23 0.49 17.65
N PRO A 102 3.69 -0.40 18.48
CA PRO A 102 3.39 -1.80 18.13
C PRO A 102 1.97 -2.02 17.62
N ILE A 103 1.71 -3.24 17.15
CA ILE A 103 0.33 -3.71 17.00
C ILE A 103 -0.05 -4.53 18.24
N THR A 104 -0.79 -3.92 19.15
CA THR A 104 -1.27 -4.67 20.31
C THR A 104 -2.25 -5.76 19.87
N ALA A 105 -2.42 -6.77 20.71
CA ALA A 105 -3.46 -7.77 20.51
C ALA A 105 -4.83 -7.10 20.46
N ALA A 106 -5.05 -6.12 21.35
CA ALA A 106 -6.32 -5.40 21.41
C ALA A 106 -6.65 -4.73 20.08
N ALA A 107 -5.65 -4.09 19.47
CA ALA A 107 -5.83 -3.47 18.18
C ALA A 107 -6.28 -4.46 17.11
N PHE A 108 -5.56 -5.56 16.99
CA PHE A 108 -5.85 -6.52 15.94
C PHE A 108 -7.18 -7.19 16.26
N GLY A 109 -7.42 -7.43 17.56
CA GLY A 109 -8.70 -7.92 18.01
C GLY A 109 -9.84 -7.03 17.58
N ALA A 110 -9.68 -5.72 17.75
CA ALA A 110 -10.69 -4.75 17.34
C ALA A 110 -10.92 -4.79 15.83
N VAL A 111 -9.85 -4.92 15.07
CA VAL A 111 -9.98 -5.06 13.61
C VAL A 111 -10.79 -6.30 13.26
N ALA A 112 -10.41 -7.43 13.86
CA ALA A 112 -11.01 -8.72 13.50
C ALA A 112 -12.47 -8.78 13.91
N ARG A 113 -12.81 -8.01 14.93
CA ARG A 113 -14.17 -7.92 15.44
C ARG A 113 -15.06 -7.03 14.56
N GLU A 114 -14.48 -5.97 13.99
CA GLU A 114 -15.24 -5.12 13.07
C GLU A 114 -15.50 -5.85 11.77
N VAL A 115 -14.49 -6.58 11.33
CA VAL A 115 -14.59 -7.40 10.15
C VAL A 115 -15.74 -8.39 10.30
N ALA A 116 -15.78 -9.10 11.43
CA ALA A 116 -16.82 -10.09 11.67
C ALA A 116 -18.23 -9.48 11.75
N ALA A 117 -18.35 -8.31 12.36
CA ALA A 117 -19.66 -7.69 12.56
C ALA A 117 -20.34 -7.39 11.23
N LEU A 118 -19.54 -7.13 10.19
CA LEU A 118 -20.06 -6.76 8.88
C LEU A 118 -20.09 -7.93 7.91
N GLY A 119 -20.27 -9.14 8.42
CA GLY A 119 -20.37 -10.33 7.58
C GLY A 119 -19.15 -10.62 6.72
N VAL A 120 -18.04 -9.94 7.02
CA VAL A 120 -16.81 -10.07 6.24
C VAL A 120 -16.00 -11.28 6.68
N ASN A 121 -15.80 -12.19 5.75
CA ASN A 121 -15.03 -13.39 6.01
C ASN A 121 -13.54 -13.15 5.74
N ILE A 122 -12.71 -13.65 6.64
CA ILE A 122 -11.26 -13.58 6.49
C ILE A 122 -10.74 -14.82 5.75
N ASP A 123 -10.06 -14.61 4.64
CA ASP A 123 -9.57 -15.70 3.80
C ASP A 123 -8.12 -16.05 4.09
N LEU A 124 -7.33 -15.06 4.47
CA LEU A 124 -5.91 -15.27 4.68
C LEU A 124 -5.39 -14.18 5.57
N ILE A 125 -4.46 -14.52 6.46
CA ILE A 125 -3.71 -13.50 7.15
C ILE A 125 -2.23 -13.83 6.97
N ARG A 126 -1.41 -12.80 6.75
CA ARG A 126 0.02 -13.03 6.72
C ARG A 126 0.74 -11.78 7.18
N GLY A 127 2.02 -11.92 7.54
CA GLY A 127 2.84 -10.77 7.85
C GLY A 127 3.39 -10.21 6.57
N VAL A 128 3.45 -8.88 6.44
CA VAL A 128 4.14 -8.30 5.27
C VAL A 128 5.41 -7.58 5.68
N SER A 129 5.56 -7.25 6.97
CA SER A 129 6.81 -6.64 7.41
C SER A 129 7.10 -6.78 8.90
N ASP A 130 8.39 -6.80 9.24
CA ASP A 130 8.87 -6.77 10.63
C ASP A 130 9.69 -5.49 10.91
N TYR A 131 10.01 -4.73 9.85
CA TYR A 131 10.60 -3.40 9.97
C TYR A 131 10.23 -2.63 8.70
N PRO A 132 10.15 -1.28 8.78
CA PRO A 132 10.36 -0.39 9.94
C PRO A 132 9.23 -0.46 10.98
N VAL A 133 8.09 -0.97 10.57
CA VAL A 133 6.97 -1.18 11.48
C VAL A 133 6.47 -2.62 11.32
N ILE A 134 5.63 -3.08 12.25
CA ILE A 134 4.96 -4.37 12.07
C ILE A 134 3.80 -4.20 11.08
N GLY A 135 3.73 -5.08 10.08
CA GLY A 135 2.69 -5.02 9.08
C GLY A 135 2.01 -6.36 8.83
N LEU A 136 0.68 -6.35 8.88
CA LEU A 136 -0.11 -7.56 8.72
C LEU A 136 -1.12 -7.34 7.62
N GLU A 137 -1.37 -8.39 6.83
CA GLU A 137 -2.34 -8.31 5.77
C GLU A 137 -3.44 -9.32 5.99
N LEU A 138 -4.68 -8.89 5.76
CA LEU A 138 -5.82 -9.82 5.76
C LEU A 138 -6.54 -9.73 4.42
N ARG A 139 -6.49 -10.80 3.63
CA ARG A 139 -7.32 -10.88 2.44
C ARG A 139 -8.68 -11.34 2.92
N VAL A 140 -9.69 -10.55 2.57
CA VAL A 140 -11.03 -10.73 3.09
C VAL A 140 -12.03 -10.81 1.95
N SER A 141 -13.21 -11.34 2.25
CA SER A 141 -14.30 -11.34 1.29
C SER A 141 -15.44 -10.52 1.88
N VAL A 142 -15.74 -9.40 1.23
CA VAL A 142 -16.71 -8.46 1.77
C VAL A 142 -18.05 -8.62 1.10
N PRO A 143 -19.13 -8.72 1.89
CA PRO A 143 -20.48 -8.72 1.30
C PRO A 143 -20.68 -7.47 0.46
N PRO A 144 -21.38 -7.60 -0.68
CA PRO A 144 -21.51 -6.45 -1.58
C PRO A 144 -22.27 -5.30 -0.92
N GLY A 145 -21.72 -4.10 -1.00
CA GLY A 145 -22.35 -2.93 -0.41
C GLY A 145 -22.03 -2.75 1.06
N ALA A 146 -20.97 -3.41 1.52
CA ALA A 146 -20.58 -3.33 2.92
C ALA A 146 -19.21 -2.71 3.11
N ASP A 147 -18.48 -2.46 2.02
CA ASP A 147 -17.10 -2.03 2.16
C ASP A 147 -16.99 -0.57 2.57
N GLY A 148 -18.02 0.24 2.31
CA GLY A 148 -18.07 1.60 2.82
C GLY A 148 -18.14 1.53 4.34
N ALA A 149 -19.08 0.75 4.84
CA ALA A 149 -19.24 0.53 6.28
C ALA A 149 -17.98 -0.06 6.90
N LEU A 150 -17.23 -0.82 6.12
CA LEU A 150 -16.03 -1.48 6.63
C LEU A 150 -14.91 -0.46 6.83
N ARG A 151 -14.59 0.29 5.78
CA ARG A 151 -13.54 1.31 5.87
C ARG A 151 -13.87 2.26 7.01
N THR A 152 -15.15 2.53 7.19
CA THR A 152 -15.58 3.46 8.22
C THR A 152 -15.31 2.86 9.59
N ALA A 153 -15.81 1.66 9.83
CA ALA A 153 -15.57 0.96 11.08
C ALA A 153 -14.07 0.83 11.36
N LEU A 154 -13.30 0.46 10.35
CA LEU A 154 -11.88 0.26 10.55
C LEU A 154 -11.13 1.59 10.77
N ASN A 155 -11.66 2.71 10.29
CA ASN A 155 -11.04 4.01 10.59
C ASN A 155 -11.22 4.41 12.06
N ARG A 156 -12.43 4.26 12.58
CA ARG A 156 -12.66 4.35 14.01
C ARG A 156 -11.65 3.49 14.79
N VAL A 157 -11.49 2.22 14.41
CA VAL A 157 -10.53 1.33 15.08
C VAL A 157 -9.09 1.85 14.97
N SER A 158 -8.75 2.36 13.80
CA SER A 158 -7.42 2.91 13.57
C SER A 158 -7.07 4.06 14.52
N SER A 159 -8.04 4.94 14.77
CA SER A 159 -7.77 6.11 15.60
C SER A 159 -7.67 5.74 17.06
N GLU A 160 -8.56 4.82 17.46
CA GLU A 160 -8.70 4.40 18.84
C GLU A 160 -7.56 3.49 19.30
N GLU A 161 -7.01 2.69 18.38
CA GLU A 161 -6.04 1.67 18.77
C GLU A 161 -4.60 1.99 18.35
N HIS A 162 -4.42 3.13 17.70
CA HIS A 162 -3.10 3.60 17.28
C HIS A 162 -2.36 2.64 16.32
N VAL A 163 -3.07 2.16 15.31
CA VAL A 163 -2.45 1.45 14.19
C VAL A 163 -3.00 2.03 12.89
N ASP A 164 -2.25 1.89 11.80
CA ASP A 164 -2.77 2.21 10.47
C ASP A 164 -3.59 1.03 9.97
N VAL A 165 -4.77 1.32 9.42
CA VAL A 165 -5.63 0.32 8.84
C VAL A 165 -6.13 0.75 7.46
N ALA A 166 -5.75 0.01 6.43
CA ALA A 166 -6.13 0.36 5.08
C ALA A 166 -6.91 -0.78 4.43
N VAL A 167 -8.06 -0.44 3.86
CA VAL A 167 -8.87 -1.37 3.10
C VAL A 167 -8.74 -1.07 1.61
N GLU A 168 -8.42 -2.07 0.81
CA GLU A 168 -8.21 -1.86 -0.62
C GLU A 168 -8.89 -2.93 -1.44
N ASP A 169 -9.40 -2.54 -2.60
CA ASP A 169 -9.92 -3.48 -3.59
C ASP A 169 -8.84 -4.48 -3.99
N TYR A 170 -9.19 -5.77 -4.03
CA TYR A 170 -8.20 -6.77 -4.38
C TYR A 170 -8.49 -7.36 -5.76
N THR A 171 -9.23 -6.63 -6.58
CA THR A 171 -9.50 -7.03 -7.95
C THR A 171 -8.23 -7.00 -8.79
N LEU A 172 -8.19 -7.84 -9.82
CA LEU A 172 -7.06 -7.90 -10.75
C LEU A 172 -6.67 -6.54 -11.29
N GLU A 173 -7.66 -5.83 -11.81
CA GLU A 173 -7.45 -4.55 -12.46
C GLU A 173 -6.98 -3.51 -11.46
N ARG A 174 -7.87 -3.14 -10.54
CA ARG A 174 -7.60 -2.10 -9.55
C ARG A 174 -6.30 -2.30 -8.76
N ARG A 175 -5.75 -3.53 -8.76
CA ARG A 175 -4.50 -3.79 -8.05
C ARG A 175 -3.28 -3.91 -8.97
N ALA A 176 -3.45 -3.67 -10.27
CA ALA A 176 -2.26 -3.48 -11.11
C ALA A 176 -1.90 -1.98 -11.18
N LYS A 177 -1.59 -1.39 -10.02
CA LYS A 177 -1.17 0.01 -9.92
C LYS A 177 0.12 0.26 -10.73
N ARG A 178 0.10 1.27 -11.59
CA ARG A 178 1.21 1.48 -12.52
C ARG A 178 1.84 2.87 -12.42
N LEU A 179 1.21 3.80 -11.70
CA LEU A 179 1.71 5.18 -11.63
C LEU A 179 1.48 5.80 -10.27
N ILE A 180 2.51 6.48 -9.77
CA ILE A 180 2.45 7.12 -8.46
C ILE A 180 2.97 8.55 -8.50
N VAL A 181 2.28 9.45 -7.80
CA VAL A 181 2.78 10.81 -7.60
C VAL A 181 2.94 11.12 -6.11
N PHE A 182 4.05 11.78 -5.78
CA PHE A 182 4.26 12.27 -4.43
C PHE A 182 4.14 13.78 -4.39
N ASP A 183 3.59 14.27 -3.29
CA ASP A 183 3.80 15.64 -2.88
C ASP A 183 5.25 15.69 -2.37
N VAL A 184 5.88 16.85 -2.42
CA VAL A 184 7.28 16.94 -2.01
C VAL A 184 7.42 17.24 -0.51
N ASP A 185 6.85 18.34 -0.07
CA ASP A 185 7.10 18.84 1.28
C ASP A 185 6.38 18.02 2.33
N SER A 186 7.16 17.55 3.31
CA SER A 186 6.67 16.77 4.43
C SER A 186 6.10 15.43 3.97
N THR A 187 6.45 15.04 2.73
CA THR A 187 6.11 13.73 2.18
C THR A 187 7.37 13.02 1.64
N LEU A 188 7.86 13.46 0.50
CA LEU A 188 9.06 12.87 -0.09
C LEU A 188 10.29 13.45 0.58
N VAL A 189 10.18 14.71 0.99
CA VAL A 189 11.28 15.45 1.58
C VAL A 189 10.93 15.83 3.01
N GLN A 190 11.92 15.85 3.89
CA GLN A 190 11.68 16.26 5.25
C GLN A 190 11.48 17.78 5.36
N GLY A 191 10.35 18.15 5.96
CA GLY A 191 10.06 19.52 6.29
C GLY A 191 9.50 20.37 5.15
N GLU A 192 9.46 21.67 5.38
CA GLU A 192 8.86 22.61 4.45
C GLU A 192 9.91 23.55 3.85
N VAL A 193 10.18 23.36 2.56
CA VAL A 193 11.13 24.21 1.85
C VAL A 193 10.81 25.69 2.03
N ILE A 194 9.53 26.04 1.94
CA ILE A 194 9.13 27.43 2.05
C ILE A 194 9.49 28.01 3.41
N GLU A 195 9.55 27.15 4.44
CA GLU A 195 9.97 27.61 5.75
C GLU A 195 11.48 27.75 5.79
N MET A 196 12.17 26.92 5.01
CA MET A 196 13.63 26.99 4.95
C MET A 196 14.07 28.25 4.20
N LEU A 197 13.31 28.61 3.18
CA LEU A 197 13.52 29.87 2.48
C LEU A 197 13.22 31.05 3.39
N ALA A 198 12.13 30.94 4.15
CA ALA A 198 11.73 32.01 5.06
C ALA A 198 12.75 32.27 6.16
N ALA A 199 13.39 31.21 6.66
CA ALA A 199 14.41 31.35 7.72
C ALA A 199 15.58 32.21 7.25
N LYS A 200 15.81 32.19 5.94
CA LYS A 200 16.85 33.02 5.34
C LYS A 200 16.46 34.50 5.40
N ALA A 201 15.16 34.78 5.52
CA ALA A 201 14.67 36.15 5.61
C ALA A 201 14.35 36.51 7.06
N GLY A 202 14.61 35.57 7.96
CA GLY A 202 14.29 35.78 9.36
C GLY A 202 12.78 35.80 9.56
N ALA A 203 12.08 35.04 8.74
CA ALA A 203 10.63 35.01 8.75
C ALA A 203 10.02 33.62 8.93
N GLU A 204 10.81 32.65 9.42
CA GLU A 204 10.30 31.27 9.53
C GLU A 204 9.07 31.24 10.42
N GLY A 205 9.06 32.08 11.46
CA GLY A 205 7.90 32.31 12.29
C GLY A 205 6.60 32.58 11.54
N GLN A 206 6.49 33.75 10.88
CA GLN A 206 5.33 34.07 10.05
C GLN A 206 4.93 32.92 9.11
N VAL A 207 5.92 32.36 8.43
CA VAL A 207 5.64 31.45 7.33
C VAL A 207 5.27 30.06 7.82
N ALA A 208 5.92 29.58 8.87
CA ALA A 208 5.55 28.29 9.46
C ALA A 208 4.10 28.32 9.92
N ALA A 209 3.68 29.42 10.54
CA ALA A 209 2.31 29.57 11.03
C ALA A 209 1.29 29.52 9.89
N ILE A 210 1.58 30.23 8.81
CA ILE A 210 0.67 30.26 7.67
C ILE A 210 0.64 28.89 6.97
N THR A 211 1.80 28.25 6.83
CA THR A 211 1.89 26.93 6.20
C THR A 211 1.06 25.88 6.94
N ASP A 212 1.15 25.86 8.27
CA ASP A 212 0.37 24.92 9.07
C ASP A 212 -1.12 25.25 8.89
N ALA A 213 -1.41 26.55 8.86
CA ALA A 213 -2.76 27.03 8.64
C ALA A 213 -3.31 26.60 7.28
N ALA A 214 -2.44 26.57 6.26
CA ALA A 214 -2.85 26.20 4.90
C ALA A 214 -2.95 24.66 4.72
N MET A 215 -1.99 23.92 5.28
CA MET A 215 -1.98 22.47 5.15
C MET A 215 -3.11 21.82 5.96
N ARG A 216 -3.62 22.51 6.97
CA ARG A 216 -4.77 22.00 7.74
C ARG A 216 -6.08 22.38 7.06
N GLY A 217 -5.99 23.08 5.94
CA GLY A 217 -7.16 23.45 5.15
C GLY A 217 -7.89 24.69 5.60
N GLU A 218 -7.37 25.39 6.60
CA GLU A 218 -7.98 26.59 7.13
C GLU A 218 -7.80 27.81 6.22
N LEU A 219 -6.96 27.67 5.20
CA LEU A 219 -6.65 28.78 4.30
C LEU A 219 -6.72 28.39 2.82
N ASP A 220 -7.15 29.33 1.98
CA ASP A 220 -7.04 29.17 0.53
C ASP A 220 -5.58 28.97 0.19
N PHE A 221 -5.26 27.95 -0.60
CA PHE A 221 -3.85 27.68 -0.88
C PHE A 221 -3.10 28.80 -1.62
N ALA A 222 -3.81 29.50 -2.51
CA ALA A 222 -3.19 30.53 -3.35
C ALA A 222 -2.87 31.80 -2.56
N GLN A 223 -3.86 32.35 -1.85
CA GLN A 223 -3.60 33.47 -0.95
C GLN A 223 -2.53 33.12 0.09
N SER A 224 -2.58 31.88 0.61
CA SER A 224 -1.56 31.45 1.57
C SER A 224 -0.19 31.38 0.90
N LEU A 225 -0.15 30.93 -0.35
CA LEU A 225 1.11 30.90 -1.09
C LEU A 225 1.63 32.32 -1.34
N GLN A 226 0.72 33.25 -1.64
CA GLN A 226 1.12 34.62 -1.95
C GLN A 226 1.65 35.33 -0.71
N GLN A 227 1.03 35.06 0.43
CA GLN A 227 1.47 35.68 1.68
C GLN A 227 2.82 35.12 2.12
N ARG A 228 3.02 33.84 1.87
CA ARG A 228 4.27 33.19 2.29
C ARG A 228 5.43 33.59 1.37
N VAL A 229 5.22 33.51 0.07
CA VAL A 229 6.31 33.86 -0.85
C VAL A 229 6.68 35.35 -0.72
N ALA A 230 5.72 36.20 -0.40
CA ALA A 230 6.00 37.64 -0.24
C ALA A 230 7.07 37.91 0.83
N THR A 231 7.15 37.07 1.87
CA THR A 231 8.17 37.24 2.92
C THR A 231 9.57 37.06 2.37
N LEU A 232 9.67 36.50 1.18
CA LEU A 232 10.98 36.28 0.57
C LEU A 232 11.43 37.46 -0.32
N ALA A 233 10.56 38.45 -0.50
CA ALA A 233 10.87 39.61 -1.33
C ALA A 233 12.21 40.24 -0.94
N GLY A 234 13.17 40.15 -1.85
CA GLY A 234 14.46 40.80 -1.64
C GLY A 234 15.63 39.87 -1.35
N LEU A 235 15.35 38.60 -1.04
CA LEU A 235 16.41 37.61 -0.96
C LEU A 235 17.08 37.40 -2.31
N PRO A 236 18.41 37.24 -2.30
CA PRO A 236 19.15 36.90 -3.52
C PRO A 236 18.71 35.51 -4.00
N ALA A 237 18.65 35.31 -5.31
CA ALA A 237 18.11 34.05 -5.83
C ALA A 237 19.04 32.88 -5.51
N THR A 238 20.27 33.21 -5.12
CA THR A 238 21.26 32.22 -4.69
C THR A 238 20.73 31.38 -3.53
N VAL A 239 19.72 31.89 -2.85
CA VAL A 239 19.13 31.24 -1.68
C VAL A 239 18.40 29.95 -2.06
N ILE A 240 18.08 29.83 -3.35
CA ILE A 240 17.37 28.67 -3.86
C ILE A 240 18.27 27.44 -3.86
N ASP A 241 19.51 27.59 -4.32
CA ASP A 241 20.46 26.48 -4.33
C ASP A 241 20.87 26.10 -2.93
N GLU A 242 20.97 27.10 -2.04
CA GLU A 242 21.35 26.86 -0.67
C GLU A 242 20.37 25.91 0.00
N VAL A 243 19.09 26.25 -0.08
CA VAL A 243 18.02 25.42 0.48
C VAL A 243 17.93 24.08 -0.24
N ALA A 244 18.12 24.08 -1.55
CA ALA A 244 18.08 22.83 -2.31
C ALA A 244 19.13 21.86 -1.80
N GLY A 245 20.31 22.39 -1.49
CA GLY A 245 21.39 21.57 -0.93
C GLY A 245 21.24 21.20 0.54
N GLN A 246 20.18 21.67 1.20
CA GLN A 246 19.94 21.39 2.62
C GLN A 246 18.81 20.36 2.81
N LEU A 247 18.23 19.91 1.70
CA LEU A 247 17.08 19.00 1.76
C LEU A 247 17.46 17.56 2.08
N GLU A 248 16.80 17.00 3.11
CA GLU A 248 16.95 15.59 3.44
C GLU A 248 15.72 14.84 2.95
N LEU A 249 15.93 13.73 2.25
CA LEU A 249 14.84 12.85 1.86
C LEU A 249 14.13 12.28 3.10
N MET A 250 12.83 12.01 2.97
CA MET A 250 12.10 11.31 4.03
C MET A 250 12.72 9.91 4.20
N PRO A 251 12.89 9.45 5.45
CA PRO A 251 13.32 8.07 5.70
C PRO A 251 12.49 7.08 4.90
N GLY A 252 13.15 6.22 4.12
CA GLY A 252 12.46 5.25 3.31
C GLY A 252 12.17 5.70 1.88
N ALA A 253 12.41 6.98 1.59
CA ALA A 253 12.12 7.54 0.26
C ALA A 253 12.90 6.84 -0.86
N ARG A 254 14.22 6.72 -0.70
CA ARG A 254 15.04 6.05 -1.71
C ARG A 254 14.61 4.60 -1.93
N THR A 255 14.36 3.90 -0.82
CA THR A 255 13.84 2.55 -0.89
C THR A 255 12.50 2.53 -1.60
N THR A 256 11.62 3.47 -1.25
CA THR A 256 10.32 3.54 -1.89
C THR A 256 10.44 3.72 -3.41
N LEU A 257 11.27 4.67 -3.83
CA LEU A 257 11.39 4.97 -5.25
C LEU A 257 12.07 3.84 -6.00
N ARG A 258 13.12 3.29 -5.40
CA ARG A 258 13.87 2.23 -6.05
C ARG A 258 12.99 1.00 -6.28
N THR A 259 12.17 0.68 -5.29
CA THR A 259 11.30 -0.50 -5.37
C THR A 259 10.21 -0.24 -6.41
N LEU A 260 9.75 1.00 -6.49
CA LEU A 260 8.72 1.36 -7.45
C LEU A 260 9.26 1.26 -8.87
N ARG A 261 10.55 1.56 -9.05
CA ARG A 261 11.18 1.40 -10.37
C ARG A 261 11.26 -0.08 -10.74
N ARG A 262 11.56 -0.94 -9.77
CA ARG A 262 11.63 -2.38 -10.00
C ARG A 262 10.30 -2.88 -10.52
N LEU A 263 9.23 -2.34 -9.93
CA LEU A 263 7.87 -2.72 -10.30
C LEU A 263 7.41 -2.04 -11.60
N GLY A 264 8.25 -1.18 -12.17
CA GLY A 264 7.95 -0.52 -13.43
C GLY A 264 6.91 0.57 -13.36
N TYR A 265 6.77 1.18 -12.20
CA TYR A 265 5.93 2.35 -12.00
C TYR A 265 6.42 3.56 -12.78
N ALA A 266 5.49 4.37 -13.27
CA ALA A 266 5.81 5.75 -13.62
C ALA A 266 5.79 6.55 -12.32
N CYS A 267 6.87 7.29 -12.05
CA CYS A 267 6.99 8.06 -10.80
C CYS A 267 7.08 9.58 -11.04
N GLY A 268 6.24 10.34 -10.34
CA GLY A 268 6.23 11.78 -10.47
C GLY A 268 6.02 12.53 -9.17
N VAL A 269 6.31 13.83 -9.20
CA VAL A 269 6.00 14.71 -8.07
C VAL A 269 5.12 15.87 -8.53
N VAL A 270 4.14 16.20 -7.71
CA VAL A 270 3.24 17.30 -7.95
C VAL A 270 3.23 18.18 -6.70
N SER A 271 3.80 19.38 -6.86
CA SER A 271 4.05 20.25 -5.74
C SER A 271 3.50 21.67 -5.95
N GLY A 272 3.25 22.38 -4.86
CA GLY A 272 2.93 23.79 -4.89
C GLY A 272 4.18 24.59 -4.56
N GLY A 273 5.26 23.87 -4.28
CA GLY A 273 6.56 24.48 -4.07
C GLY A 273 7.19 24.96 -5.37
N PHE A 274 8.53 24.97 -5.40
CA PHE A 274 9.24 25.73 -6.42
C PHE A 274 10.14 24.89 -7.32
N ARG A 275 9.93 25.04 -8.63
CA ARG A 275 10.53 24.21 -9.67
C ARG A 275 12.05 24.21 -9.66
N ARG A 276 12.65 25.31 -9.25
CA ARG A 276 14.11 25.41 -9.28
C ARG A 276 14.72 24.56 -8.17
N ILE A 277 13.90 24.20 -7.19
CA ILE A 277 14.32 23.34 -6.09
C ILE A 277 13.99 21.87 -6.37
N ILE A 278 12.86 21.65 -7.02
CA ILE A 278 12.29 20.33 -7.18
C ILE A 278 12.79 19.63 -8.44
N GLU A 279 12.98 20.39 -9.52
CA GLU A 279 13.46 19.81 -10.76
C GLU A 279 14.86 19.27 -10.57
N PRO A 280 15.73 20.08 -9.93
CA PRO A 280 17.09 19.59 -9.65
C PRO A 280 17.06 18.26 -8.86
N LEU A 281 16.04 18.09 -8.03
CA LEU A 281 15.89 16.90 -7.18
C LEU A 281 15.23 15.73 -7.92
N ALA A 282 14.24 16.05 -8.72
CA ALA A 282 13.52 15.06 -9.50
C ALA A 282 14.42 14.42 -10.54
N GLU A 283 15.37 15.20 -11.07
CA GLU A 283 16.36 14.64 -11.97
C GLU A 283 17.22 13.63 -11.21
N GLU A 284 17.70 14.03 -10.03
CA GLU A 284 18.48 13.12 -9.19
C GLU A 284 17.74 11.82 -8.88
N LEU A 285 16.44 11.91 -8.64
CA LEU A 285 15.68 10.72 -8.25
C LEU A 285 15.16 9.98 -9.47
N MET A 286 15.47 10.50 -10.64
CA MET A 286 15.13 9.86 -11.91
C MET A 286 13.62 9.72 -12.06
N LEU A 287 12.90 10.79 -11.73
CA LEU A 287 11.45 10.82 -11.84
C LEU A 287 11.01 11.08 -13.29
N ASP A 288 9.75 10.77 -13.57
CA ASP A 288 9.23 10.85 -14.93
C ASP A 288 8.45 12.13 -15.17
N TYR A 289 8.00 12.78 -14.11
CA TYR A 289 7.14 13.95 -14.25
C TYR A 289 7.27 14.91 -13.07
N VAL A 290 7.36 16.20 -13.37
CA VAL A 290 7.36 17.26 -12.37
C VAL A 290 6.37 18.35 -12.75
N ALA A 291 5.71 18.89 -11.73
CA ALA A 291 4.91 20.09 -11.86
C ALA A 291 5.09 20.83 -10.57
N ALA A 292 5.46 22.10 -10.66
CA ALA A 292 5.60 22.90 -9.45
C ALA A 292 5.22 24.34 -9.76
N ASN A 293 5.33 25.21 -8.75
CA ASN A 293 5.15 26.64 -8.97
C ASN A 293 6.49 27.29 -9.27
N GLU A 294 6.50 28.58 -9.58
CA GLU A 294 7.74 29.19 -10.02
C GLU A 294 7.96 30.58 -9.40
N LEU A 295 9.12 30.76 -8.78
CA LEU A 295 9.43 32.02 -8.13
C LEU A 295 9.80 33.09 -9.15
N GLU A 296 9.30 34.30 -8.94
CA GLU A 296 9.65 35.42 -9.80
C GLU A 296 11.01 35.96 -9.37
N ILE A 297 11.90 36.18 -10.35
CA ILE A 297 13.23 36.74 -10.07
C ILE A 297 13.52 37.97 -10.95
N VAL A 298 14.05 39.02 -10.33
CA VAL A 298 14.44 40.22 -11.07
C VAL A 298 15.86 40.60 -10.66
N ASP A 299 16.75 40.70 -11.65
CA ASP A 299 18.16 41.01 -11.41
C ASP A 299 18.76 40.09 -10.36
N GLY A 300 18.47 38.79 -10.46
CA GLY A 300 19.03 37.83 -9.53
C GLY A 300 18.45 37.92 -8.13
N THR A 301 17.33 38.61 -7.99
CA THR A 301 16.71 38.80 -6.68
C THR A 301 15.25 38.36 -6.72
N LEU A 302 14.81 37.68 -5.67
CA LEU A 302 13.42 37.26 -5.58
C LEU A 302 12.54 38.47 -5.35
N THR A 303 11.41 38.53 -6.05
CA THR A 303 10.48 39.65 -5.87
C THR A 303 9.46 39.40 -4.78
N GLY A 304 9.29 38.15 -4.38
CA GLY A 304 8.28 37.81 -3.40
C GLY A 304 6.98 37.35 -4.03
N ARG A 305 6.97 37.21 -5.35
CA ARG A 305 5.79 36.68 -6.02
C ARG A 305 6.11 35.37 -6.72
N VAL A 306 5.07 34.64 -7.11
CA VAL A 306 5.21 33.52 -8.03
C VAL A 306 4.71 33.91 -9.42
N VAL A 307 5.22 33.21 -10.43
CA VAL A 307 4.84 33.45 -11.82
C VAL A 307 3.76 32.48 -12.24
N GLY A 308 2.54 32.99 -12.43
CA GLY A 308 1.39 32.13 -12.71
C GLY A 308 1.60 31.23 -13.92
N PRO A 309 0.78 30.18 -14.06
CA PRO A 309 -0.38 29.82 -13.22
C PRO A 309 0.02 29.11 -11.93
N ILE A 310 -0.73 29.36 -10.86
CA ILE A 310 -0.49 28.73 -9.59
C ILE A 310 -1.04 27.32 -9.57
N ILE A 311 -0.21 26.35 -9.15
CA ILE A 311 -0.69 25.02 -8.87
C ILE A 311 -1.43 25.06 -7.53
N ASP A 312 -2.76 25.01 -7.59
CA ASP A 312 -3.57 25.00 -6.36
C ASP A 312 -4.07 23.58 -6.08
N ARG A 313 -4.98 23.45 -5.12
CA ARG A 313 -5.54 22.15 -4.81
C ARG A 313 -6.09 21.48 -6.09
N ALA A 314 -6.82 22.24 -6.88
CA ALA A 314 -7.38 21.70 -8.12
C ALA A 314 -6.29 21.40 -9.15
N GLY A 315 -5.26 22.24 -9.18
CA GLY A 315 -4.16 22.08 -10.11
C GLY A 315 -3.42 20.76 -9.92
N LYS A 316 -3.35 20.30 -8.68
CA LYS A 316 -2.65 19.07 -8.37
C LYS A 316 -3.38 17.88 -9.01
N ALA A 317 -4.70 17.86 -8.89
CA ALA A 317 -5.52 16.85 -9.55
C ALA A 317 -5.34 16.91 -11.06
N THR A 318 -5.36 18.12 -11.59
CA THR A 318 -5.19 18.34 -13.03
C THR A 318 -3.84 17.82 -13.54
N ALA A 319 -2.80 18.00 -12.73
CA ALA A 319 -1.47 17.52 -13.08
C ALA A 319 -1.40 15.99 -13.03
N LEU A 320 -2.07 15.39 -12.04
CA LEU A 320 -2.10 13.92 -11.96
C LEU A 320 -2.77 13.39 -13.21
N ARG A 321 -3.93 13.96 -13.55
CA ARG A 321 -4.67 13.57 -14.74
C ARG A 321 -3.83 13.72 -16.00
N GLU A 322 -3.08 14.81 -16.07
CA GLU A 322 -2.20 15.08 -17.21
C GLU A 322 -1.12 14.00 -17.32
N PHE A 323 -0.42 13.79 -16.22
CA PHE A 323 0.62 12.76 -16.10
C PHE A 323 0.08 11.39 -16.53
N ALA A 324 -1.09 11.04 -16.02
CA ALA A 324 -1.67 9.73 -16.28
C ALA A 324 -2.05 9.55 -17.75
N GLN A 325 -2.57 10.60 -18.37
CA GLN A 325 -2.97 10.53 -19.78
C GLN A 325 -1.76 10.29 -20.68
N ARG A 326 -0.66 10.96 -20.33
CA ARG A 326 0.60 10.88 -21.08
C ARG A 326 1.26 9.52 -20.94
N ALA A 327 1.15 8.95 -19.75
CA ALA A 327 1.82 7.68 -19.46
C ALA A 327 0.97 6.53 -19.98
N GLY A 328 -0.28 6.82 -20.29
CA GLY A 328 -1.23 5.79 -20.72
C GLY A 328 -1.73 4.94 -19.56
N VAL A 329 -1.98 5.58 -18.42
CA VAL A 329 -2.45 4.87 -17.24
C VAL A 329 -3.81 5.38 -16.78
N PRO A 330 -4.82 4.49 -16.74
CA PRO A 330 -6.15 4.88 -16.27
C PRO A 330 -6.11 5.38 -14.84
N MET A 331 -6.98 6.32 -14.50
CA MET A 331 -6.99 6.91 -13.18
C MET A 331 -7.07 5.88 -12.06
N ALA A 332 -7.80 4.78 -12.29
CA ALA A 332 -7.96 3.74 -11.27
C ALA A 332 -6.65 3.02 -10.94
N GLN A 333 -5.68 3.11 -11.84
CA GLN A 333 -4.40 2.47 -11.61
C GLN A 333 -3.31 3.46 -11.19
N THR A 334 -3.75 4.60 -10.68
CA THR A 334 -2.85 5.68 -10.24
C THR A 334 -2.81 5.77 -8.74
N VAL A 335 -1.67 6.19 -8.20
CA VAL A 335 -1.52 6.38 -6.76
C VAL A 335 -1.02 7.80 -6.45
N ALA A 336 -1.60 8.42 -5.44
CA ALA A 336 -1.17 9.73 -5.00
C ALA A 336 -0.89 9.72 -3.50
N VAL A 337 0.23 10.31 -3.12
CA VAL A 337 0.68 10.34 -1.75
C VAL A 337 0.93 11.78 -1.30
N GLY A 338 0.21 12.23 -0.28
CA GLY A 338 0.35 13.59 0.23
C GLY A 338 0.14 13.70 1.75
N GLY A 339 0.39 14.88 2.29
CA GLY A 339 0.27 15.07 3.72
C GLY A 339 -0.56 16.27 4.12
N GLY A 340 -0.95 17.12 3.16
CA GLY A 340 -1.65 18.34 3.48
C GLY A 340 -3.00 18.49 2.78
N ALA A 341 -3.81 19.45 3.25
CA ALA A 341 -5.13 19.69 2.65
C ALA A 341 -4.98 20.21 1.24
N ASN A 342 -3.78 20.70 0.95
CA ASN A 342 -3.32 21.00 -0.39
C ASN A 342 -3.56 19.86 -1.39
N ASP A 343 -3.50 18.63 -0.89
CA ASP A 343 -3.47 17.45 -1.75
C ASP A 343 -4.83 16.75 -1.90
N ILE A 344 -5.88 17.31 -1.31
CA ILE A 344 -7.18 16.64 -1.20
C ILE A 344 -7.82 16.23 -2.53
N ASP A 345 -7.80 17.14 -3.50
CA ASP A 345 -8.37 16.87 -4.82
C ASP A 345 -7.53 15.82 -5.56
N MET A 346 -6.22 15.84 -5.32
CA MET A 346 -5.31 14.93 -5.98
C MET A 346 -5.58 13.48 -5.52
N LEU A 347 -5.58 13.28 -4.20
CA LEU A 347 -5.83 11.96 -3.62
C LEU A 347 -7.18 11.38 -4.06
N ALA A 348 -8.21 12.22 -4.10
CA ALA A 348 -9.55 11.73 -4.48
C ALA A 348 -9.62 11.41 -5.97
N ALA A 349 -8.79 12.05 -6.79
CA ALA A 349 -8.74 11.74 -8.22
C ALA A 349 -8.04 10.40 -8.49
N ALA A 350 -7.04 10.09 -7.67
CA ALA A 350 -6.22 8.89 -7.86
C ALA A 350 -7.00 7.63 -7.53
N GLY A 351 -6.59 6.52 -8.14
CA GLY A 351 -7.14 5.22 -7.82
C GLY A 351 -6.99 4.96 -6.33
N LEU A 352 -5.77 5.10 -5.84
CA LEU A 352 -5.50 4.97 -4.42
C LEU A 352 -4.82 6.25 -3.92
N GLY A 353 -5.50 6.92 -2.98
CA GLY A 353 -4.97 8.11 -2.35
C GLY A 353 -4.52 7.86 -0.91
N ILE A 354 -3.21 8.04 -0.69
CA ILE A 354 -2.55 7.75 0.57
C ILE A 354 -2.13 9.03 1.27
N ALA A 355 -2.69 9.24 2.47
CA ALA A 355 -2.29 10.33 3.35
C ALA A 355 -1.08 9.92 4.18
N PHE A 356 0.02 10.64 4.04
CA PHE A 356 1.24 10.31 4.79
C PHE A 356 1.56 11.33 5.88
N ASN A 357 1.49 10.90 7.14
CA ASN A 357 1.63 11.75 8.31
C ASN A 357 0.88 13.05 8.11
N ALA A 358 -0.42 12.92 7.90
CA ALA A 358 -1.20 14.01 7.32
C ALA A 358 -2.05 14.74 8.34
N LYS A 359 -2.39 15.97 7.99
CA LYS A 359 -3.34 16.81 8.69
C LYS A 359 -4.74 16.21 8.60
N PRO A 360 -5.58 16.46 9.62
CA PRO A 360 -6.93 15.88 9.73
C PRO A 360 -7.78 16.01 8.46
N ALA A 361 -7.71 17.19 7.84
CA ALA A 361 -8.47 17.48 6.64
C ALA A 361 -8.18 16.48 5.51
N LEU A 362 -6.97 15.93 5.50
CA LEU A 362 -6.62 14.98 4.44
C LEU A 362 -6.94 13.54 4.84
N ARG A 363 -6.63 13.17 6.07
CA ARG A 363 -6.92 11.81 6.54
C ARG A 363 -8.40 11.49 6.40
N GLU A 364 -9.25 12.50 6.59
CA GLU A 364 -10.69 12.31 6.52
C GLU A 364 -11.20 11.90 5.12
N VAL A 365 -10.49 12.28 4.06
CA VAL A 365 -10.94 11.91 2.70
C VAL A 365 -10.01 10.92 1.99
N ALA A 366 -8.88 10.61 2.60
CA ALA A 366 -7.92 9.71 1.99
C ALA A 366 -8.46 8.29 1.98
N ASP A 367 -8.14 7.52 0.96
CA ASP A 367 -8.48 6.10 0.95
C ASP A 367 -7.76 5.42 2.12
N ALA A 368 -6.51 5.82 2.35
CA ALA A 368 -5.65 5.17 3.33
C ALA A 368 -4.70 6.16 4.00
N SER A 369 -4.42 5.94 5.28
CA SER A 369 -3.57 6.82 6.07
C SER A 369 -2.42 6.09 6.72
N LEU A 370 -1.27 6.75 6.76
CA LEU A 370 -0.08 6.23 7.41
C LEU A 370 0.38 7.23 8.45
N SER A 371 0.72 6.74 9.64
CA SER A 371 1.03 7.61 10.78
C SER A 371 2.47 7.48 11.23
N HIS A 372 3.26 6.67 10.52
CA HIS A 372 4.65 6.44 10.92
C HIS A 372 5.60 7.13 9.96
N PRO A 373 6.76 7.57 10.48
CA PRO A 373 7.66 8.43 9.71
C PRO A 373 8.58 7.64 8.77
N TYR A 374 8.01 6.68 8.05
CA TYR A 374 8.78 5.91 7.08
C TYR A 374 7.99 5.87 5.81
N LEU A 375 8.52 6.48 4.76
CA LEU A 375 7.78 6.60 3.50
C LEU A 375 7.63 5.24 2.81
N ASP A 376 8.56 4.32 3.07
CA ASP A 376 8.45 2.97 2.49
C ASP A 376 7.27 2.14 3.02
N THR A 377 6.56 2.59 4.06
CA THR A 377 5.34 1.88 4.45
C THR A 377 4.29 2.01 3.34
N VAL A 378 4.44 3.03 2.49
CA VAL A 378 3.68 3.12 1.25
C VAL A 378 3.78 1.82 0.43
N LEU A 379 4.97 1.24 0.36
CA LEU A 379 5.18 0.02 -0.40
C LEU A 379 4.30 -1.14 0.11
N PHE A 380 4.07 -1.20 1.42
CA PHE A 380 3.25 -2.29 1.96
C PHE A 380 1.82 -2.14 1.47
N LEU A 381 1.37 -0.89 1.31
CA LEU A 381 0.01 -0.64 0.82
C LEU A 381 -0.13 -1.03 -0.65
N LEU A 382 0.99 -1.21 -1.34
CA LEU A 382 0.98 -1.57 -2.76
C LEU A 382 1.29 -3.05 -2.95
N GLY A 383 1.11 -3.84 -1.89
CA GLY A 383 1.22 -5.28 -2.01
C GLY A 383 2.63 -5.83 -1.96
N VAL A 384 3.59 -5.03 -1.51
CA VAL A 384 4.98 -5.48 -1.43
C VAL A 384 5.32 -5.85 0.02
N THR A 385 6.13 -6.89 0.21
CA THR A 385 6.57 -7.25 1.55
C THR A 385 8.01 -6.80 1.79
N ARG A 386 8.36 -6.67 3.07
CA ARG A 386 9.70 -6.26 3.45
C ARG A 386 10.71 -7.27 2.94
N GLY A 387 10.38 -8.56 3.07
CA GLY A 387 11.25 -9.61 2.58
C GLY A 387 11.58 -9.48 1.09
N GLU A 388 10.54 -9.21 0.29
CA GLU A 388 10.70 -9.04 -1.16
C GLU A 388 11.56 -7.83 -1.52
N ILE A 389 11.49 -6.77 -0.71
CA ILE A 389 12.30 -5.59 -0.92
C ILE A 389 13.76 -5.94 -0.66
N GLU A 390 13.99 -6.58 0.48
CA GLU A 390 15.33 -6.94 0.95
C GLU A 390 16.01 -7.95 0.03
N ALA A 391 15.23 -8.91 -0.46
CA ALA A 391 15.72 -9.90 -1.41
C ALA A 391 16.19 -9.19 -2.68
N ALA A 392 15.30 -8.40 -3.27
CA ALA A 392 15.59 -7.72 -4.53
C ALA A 392 16.78 -6.79 -4.41
N ASP A 393 16.89 -6.12 -3.25
CA ASP A 393 18.00 -5.17 -3.04
C ASP A 393 19.35 -5.88 -2.87
N ALA A 394 19.32 -7.14 -2.44
CA ALA A 394 20.54 -7.91 -2.17
C ALA A 394 21.12 -8.50 -3.47
N ILE A 395 20.27 -8.63 -4.48
CA ILE A 395 20.70 -8.95 -5.83
C ILE A 395 21.40 -7.72 -6.43
N ASP A 396 21.25 -6.59 -5.74
CA ASP A 396 21.88 -5.33 -6.13
C ASP A 396 21.34 -4.90 -7.49
MG MG B . 3.14 18.55 1.78
C1 EDO C . 4.19 24.80 -0.49
O1 EDO C . 3.30 25.06 0.56
C2 EDO C . 5.47 25.60 -0.29
O2 EDO C . 6.59 24.96 -0.88
#